data_8K6W
#
_entry.id   8K6W
#
_cell.length_a   102.360
_cell.length_b   102.360
_cell.length_c   78.370
_cell.angle_alpha   90.000
_cell.angle_beta   90.000
_cell.angle_gamma   120.000
#
_symmetry.space_group_name_H-M   'P 63'
#
loop_
_entity.id
_entity.type
_entity.pdbx_description
1 polymer "Deoxyuridine 5'-triphosphate nucleotidohydrolase"
2 water water
#
_entity_poly.entity_id   1
_entity_poly.type   'polypeptide(L)'
_entity_poly.pdbx_seq_one_letter_code
;AMKIKIQKIHPNALIPKYQTDGSSGFDLHAVEEVMIKPHSVGLVKIGICLSLEVGYELQVRTRSGLALNHQVMVLNSPGT
VDNDYRGEIKVILANLSDKDFKVQVGDRIAQGVVQKTYKAEFIECEQLDETSRGSGGFGSTGVSKAHHHHHH
;
_entity_poly.pdbx_strand_id   A,B,C
#
# COMPACT_ATOMS: atom_id res chain seq x y z
N ALA A 1 -21.00 -7.70 -0.13
CA ALA A 1 -22.10 -7.38 -1.07
C ALA A 1 -21.68 -7.74 -2.50
N MET A 2 -20.46 -7.33 -2.88
CA MET A 2 -20.00 -7.49 -4.26
C MET A 2 -19.59 -8.94 -4.53
N LYS A 3 -19.46 -9.29 -5.82
CA LYS A 3 -19.28 -10.67 -6.26
C LYS A 3 -17.99 -10.84 -7.05
N ILE A 4 -17.27 -11.92 -6.72
CA ILE A 4 -16.05 -12.31 -7.40
C ILE A 4 -16.23 -13.75 -7.85
N LYS A 5 -16.22 -13.97 -9.18
CA LYS A 5 -16.19 -15.29 -9.78
C LYS A 5 -14.76 -15.81 -9.71
N ILE A 6 -14.61 -17.11 -9.36
CA ILE A 6 -13.30 -17.69 -9.10
C ILE A 6 -13.21 -19.07 -9.74
N GLN A 7 -12.08 -19.28 -10.43
CA GLN A 7 -11.73 -20.53 -11.07
C GLN A 7 -10.44 -21.00 -10.44
N LYS A 8 -10.42 -22.25 -9.97
CA LYS A 8 -9.20 -22.91 -9.52
C LYS A 8 -8.51 -23.48 -10.74
N ILE A 9 -7.17 -23.37 -10.79
CA ILE A 9 -6.40 -23.87 -11.91
C ILE A 9 -5.20 -24.63 -11.39
N HIS A 10 -5.25 -25.03 -10.12
CA HIS A 10 -4.16 -25.81 -9.56
C HIS A 10 -4.75 -26.72 -8.49
N PRO A 11 -4.28 -27.98 -8.39
CA PRO A 11 -4.78 -28.88 -7.35
C PRO A 11 -4.76 -28.30 -5.94
N ASN A 12 -3.85 -27.37 -5.67
CA ASN A 12 -3.66 -26.84 -4.31
C ASN A 12 -4.44 -25.54 -4.12
N ALA A 13 -5.06 -25.03 -5.18
CA ALA A 13 -5.77 -23.77 -5.14
C ALA A 13 -6.81 -23.75 -4.02
N LEU A 14 -6.91 -22.64 -3.29
CA LEU A 14 -7.92 -22.52 -2.27
C LEU A 14 -8.81 -21.32 -2.56
N ILE A 15 -10.10 -21.46 -2.22
CA ILE A 15 -11.02 -20.33 -2.25
C ILE A 15 -10.70 -19.46 -1.04
N PRO A 16 -10.24 -18.20 -1.24
CA PRO A 16 -9.82 -17.38 -0.11
C PRO A 16 -11.05 -17.13 0.78
N LYS A 17 -10.83 -17.00 2.09
CA LYS A 17 -11.89 -16.81 3.07
C LYS A 17 -11.58 -15.58 3.91
N TYR A 18 -12.60 -14.93 4.44
CA TYR A 18 -12.40 -13.90 5.45
C TYR A 18 -12.30 -14.58 6.81
N GLN A 19 -11.25 -14.27 7.57
CA GLN A 19 -11.10 -14.78 8.92
C GLN A 19 -12.32 -14.45 9.77
N THR A 20 -12.79 -13.20 9.71
CA THR A 20 -13.90 -12.74 10.51
C THR A 20 -14.74 -11.80 9.67
N ASP A 21 -15.92 -11.45 10.18
CA ASP A 21 -16.83 -10.57 9.46
C ASP A 21 -16.29 -9.14 9.43
N GLY A 22 -15.28 -8.83 10.26
CA GLY A 22 -14.61 -7.53 10.20
C GLY A 22 -13.28 -7.52 9.42
N SER A 23 -12.85 -8.66 8.86
CA SER A 23 -11.65 -8.69 8.06
C SER A 23 -11.80 -7.80 6.82
N SER A 24 -10.79 -6.97 6.53
CA SER A 24 -10.72 -6.17 5.33
C SER A 24 -10.48 -7.06 4.12
N GLY A 25 -9.72 -8.14 4.34
CA GLY A 25 -9.30 -8.97 3.23
C GLY A 25 -9.26 -10.46 3.56
N PHE A 26 -8.77 -11.21 2.60
CA PHE A 26 -8.78 -12.66 2.65
C PHE A 26 -7.38 -13.15 2.33
N ASP A 27 -7.00 -14.23 2.99
CA ASP A 27 -5.65 -14.73 2.92
C ASP A 27 -5.47 -15.40 1.57
N LEU A 28 -4.31 -15.17 0.96
CA LEU A 28 -3.94 -15.85 -0.28
C LEU A 28 -2.89 -16.92 0.03
N HIS A 29 -3.13 -18.15 -0.42
CA HIS A 29 -2.31 -19.28 -0.03
C HIS A 29 -1.49 -19.73 -1.23
N ALA A 30 -0.18 -19.96 -1.02
CA ALA A 30 0.66 -20.51 -2.08
C ALA A 30 0.21 -21.92 -2.48
N VAL A 31 0.39 -22.23 -3.77
CA VAL A 31 0.05 -23.53 -4.32
C VAL A 31 1.31 -24.32 -4.64
N GLU A 32 2.48 -23.67 -4.59
CA GLU A 32 3.77 -24.30 -4.87
C GLU A 32 4.79 -23.80 -3.88
N GLU A 33 5.87 -24.57 -3.74
CA GLU A 33 6.98 -24.24 -2.89
C GLU A 33 7.87 -23.27 -3.65
N VAL A 34 8.28 -22.19 -2.99
CA VAL A 34 9.20 -21.23 -3.59
C VAL A 34 10.28 -20.95 -2.57
N MET A 35 11.53 -21.06 -2.99
CA MET A 35 12.62 -20.59 -2.18
C MET A 35 12.92 -19.14 -2.60
N ILE A 36 13.05 -18.26 -1.62
CA ILE A 36 13.43 -16.91 -1.95
C ILE A 36 14.73 -16.57 -1.22
N LYS A 37 15.75 -16.24 -2.01
CA LYS A 37 17.08 -15.97 -1.52
C LYS A 37 17.05 -14.69 -0.69
N PRO A 38 18.07 -14.44 0.17
CA PRO A 38 18.24 -13.13 0.80
C PRO A 38 18.31 -12.01 -0.24
N HIS A 39 17.65 -10.89 0.05
CA HIS A 39 17.77 -9.70 -0.77
C HIS A 39 17.30 -10.00 -2.20
N SER A 40 16.28 -10.84 -2.37
CA SER A 40 15.72 -11.01 -3.72
C SER A 40 14.20 -11.12 -3.69
N VAL A 41 13.65 -11.28 -4.89
CA VAL A 41 12.22 -11.41 -5.12
C VAL A 41 11.93 -12.76 -5.74
N GLY A 42 10.76 -13.29 -5.39
CA GLY A 42 10.14 -14.40 -6.07
C GLY A 42 8.68 -14.12 -6.40
N LEU A 43 8.20 -14.83 -7.42
CA LEU A 43 6.81 -14.84 -7.83
C LEU A 43 6.19 -16.12 -7.27
N VAL A 44 5.15 -15.95 -6.45
CA VAL A 44 4.45 -17.05 -5.80
C VAL A 44 3.08 -17.17 -6.44
N LYS A 45 2.72 -18.36 -6.90
CA LYS A 45 1.47 -18.60 -7.62
C LYS A 45 0.39 -18.89 -6.59
N ILE A 46 -0.87 -18.51 -6.88
CA ILE A 46 -2.01 -18.72 -5.99
C ILE A 46 -3.04 -19.67 -6.64
N GLY A 47 -2.91 -19.96 -7.93
CA GLY A 47 -3.69 -20.98 -8.59
C GLY A 47 -5.17 -20.66 -8.70
N ILE A 48 -5.47 -19.36 -8.73
CA ILE A 48 -6.83 -18.88 -8.90
C ILE A 48 -6.85 -17.80 -9.97
N CYS A 49 -7.95 -17.78 -10.73
CA CYS A 49 -8.30 -16.72 -11.66
C CYS A 49 -9.61 -16.10 -11.20
N LEU A 50 -9.64 -14.78 -11.12
CA LEU A 50 -10.78 -14.09 -10.56
C LEU A 50 -11.46 -13.26 -11.65
N SER A 51 -12.78 -13.12 -11.53
CA SER A 51 -13.56 -12.14 -12.26
C SER A 51 -14.34 -11.29 -11.26
N LEU A 52 -14.01 -10.00 -11.19
CA LEU A 52 -14.55 -9.11 -10.18
C LEU A 52 -15.76 -8.37 -10.75
N GLU A 53 -16.77 -8.16 -9.94
CA GLU A 53 -17.85 -7.28 -10.32
C GLU A 53 -17.23 -5.97 -10.83
N VAL A 54 -17.67 -5.51 -12.00
CA VAL A 54 -17.29 -4.21 -12.50
C VAL A 54 -17.41 -3.18 -11.39
N GLY A 55 -16.42 -2.28 -11.37
CA GLY A 55 -16.37 -1.20 -10.41
C GLY A 55 -15.40 -1.45 -9.27
N TYR A 56 -14.71 -2.61 -9.27
CA TYR A 56 -13.92 -3.04 -8.12
C TYR A 56 -12.55 -3.53 -8.60
N GLU A 57 -11.57 -3.36 -7.71
CA GLU A 57 -10.23 -3.89 -7.89
C GLU A 57 -9.91 -4.74 -6.66
N LEU A 58 -8.77 -5.44 -6.76
CA LEU A 58 -8.20 -6.13 -5.62
C LEU A 58 -6.81 -5.55 -5.31
N GLN A 59 -6.58 -5.20 -4.04
CA GLN A 59 -5.27 -4.86 -3.52
C GLN A 59 -4.65 -6.12 -2.88
N VAL A 60 -3.39 -6.40 -3.28
CA VAL A 60 -2.63 -7.52 -2.75
C VAL A 60 -1.63 -6.95 -1.74
N ARG A 61 -1.84 -7.30 -0.46
CA ARG A 61 -1.23 -6.61 0.65
C ARG A 61 -0.32 -7.50 1.48
N THR A 62 0.77 -6.87 1.95
CA THR A 62 1.77 -7.51 2.76
C THR A 62 1.12 -7.96 4.06
N ARG A 63 1.43 -9.19 4.50
CA ARG A 63 1.05 -9.65 5.81
C ARG A 63 2.08 -9.20 6.84
N SER A 64 1.59 -8.77 8.00
CA SER A 64 2.42 -8.07 8.96
C SER A 64 3.33 -9.03 9.71
N GLY A 65 2.81 -10.20 10.11
CA GLY A 65 3.61 -11.26 10.69
C GLY A 65 4.90 -11.51 9.91
N LEU A 66 4.78 -11.82 8.60
CA LEU A 66 5.93 -12.07 7.75
C LEU A 66 6.84 -10.84 7.64
N ALA A 67 6.24 -9.64 7.65
CA ALA A 67 7.03 -8.45 7.54
C ALA A 67 7.89 -8.31 8.79
N LEU A 68 7.24 -8.35 9.96
CA LEU A 68 7.92 -8.15 11.22
C LEU A 68 8.93 -9.29 11.50
N ASN A 69 8.57 -10.55 11.22
CA ASN A 69 9.41 -11.66 11.67
C ASN A 69 10.38 -12.16 10.59
N HIS A 70 10.17 -11.92 9.29
CA HIS A 70 11.15 -12.38 8.32
C HIS A 70 11.52 -11.30 7.30
N GLN A 71 11.05 -10.06 7.49
CA GLN A 71 11.25 -8.98 6.53
C GLN A 71 10.86 -9.42 5.13
N VAL A 72 9.75 -10.16 5.04
CA VAL A 72 9.22 -10.62 3.77
C VAL A 72 7.99 -9.77 3.49
N MET A 73 7.83 -9.27 2.26
CA MET A 73 6.68 -8.45 1.94
C MET A 73 6.34 -8.50 0.47
N VAL A 74 5.15 -7.95 0.16
CA VAL A 74 4.68 -7.88 -1.20
C VAL A 74 5.33 -6.64 -1.78
N LEU A 75 6.25 -6.85 -2.73
CA LEU A 75 7.16 -5.77 -3.07
C LEU A 75 6.39 -4.67 -3.78
N ASN A 76 5.30 -5.04 -4.46
CA ASN A 76 4.48 -4.02 -5.10
C ASN A 76 3.26 -3.74 -4.24
N SER A 77 3.35 -3.90 -2.93
CA SER A 77 2.21 -3.60 -2.07
C SER A 77 1.80 -2.14 -2.20
N PRO A 78 0.49 -1.81 -2.27
CA PRO A 78 -0.61 -2.77 -2.42
C PRO A 78 -0.72 -3.20 -3.88
N GLY A 79 -0.51 -4.49 -4.17
CA GLY A 79 -0.36 -4.90 -5.56
C GLY A 79 -1.67 -4.76 -6.30
N THR A 80 -1.66 -4.25 -7.51
CA THR A 80 -2.89 -3.89 -8.19
C THR A 80 -3.38 -5.10 -8.98
N VAL A 81 -4.59 -5.57 -8.69
CA VAL A 81 -5.26 -6.53 -9.54
C VAL A 81 -6.41 -5.80 -10.19
N ASP A 82 -6.28 -5.54 -11.49
CA ASP A 82 -7.26 -4.74 -12.22
C ASP A 82 -8.52 -5.58 -12.38
N ASN A 83 -9.64 -4.86 -12.49
CA ASN A 83 -10.96 -5.42 -12.73
C ASN A 83 -10.96 -6.35 -13.95
N ASP A 84 -10.15 -6.04 -14.97
CA ASP A 84 -10.22 -6.77 -16.22
C ASP A 84 -9.10 -7.81 -16.31
N TYR A 85 -8.32 -7.96 -15.22
CA TYR A 85 -7.33 -9.03 -15.14
C TYR A 85 -8.03 -10.38 -14.93
N ARG A 86 -7.75 -11.34 -15.81
CA ARG A 86 -8.43 -12.64 -15.80
C ARG A 86 -7.44 -13.81 -15.66
N GLY A 87 -6.14 -13.51 -15.72
CA GLY A 87 -5.10 -14.52 -15.53
C GLY A 87 -4.99 -14.93 -14.06
N GLU A 88 -3.95 -15.74 -13.80
CA GLU A 88 -3.67 -16.31 -12.48
C GLU A 88 -3.19 -15.21 -11.55
N ILE A 89 -3.68 -15.26 -10.31
CA ILE A 89 -3.18 -14.39 -9.26
C ILE A 89 -1.83 -14.91 -8.82
N LYS A 90 -0.85 -14.01 -8.77
CA LYS A 90 0.49 -14.30 -8.31
C LYS A 90 0.99 -13.16 -7.45
N VAL A 91 1.71 -13.46 -6.36
CA VAL A 91 2.24 -12.48 -5.45
C VAL A 91 3.75 -12.36 -5.68
N ILE A 92 4.20 -11.11 -5.84
CA ILE A 92 5.60 -10.74 -5.91
C ILE A 92 6.08 -10.52 -4.49
N LEU A 93 6.82 -11.49 -3.95
CA LEU A 93 7.31 -11.44 -2.59
C LEU A 93 8.79 -11.12 -2.56
N ALA A 94 9.14 -10.11 -1.78
CA ALA A 94 10.54 -9.77 -1.57
C ALA A 94 10.98 -10.26 -0.20
N ASN A 95 12.21 -10.76 -0.18
CA ASN A 95 12.88 -11.14 1.04
C ASN A 95 13.98 -10.09 1.22
N LEU A 96 13.74 -9.17 2.15
CA LEU A 96 14.71 -8.13 2.46
C LEU A 96 15.64 -8.55 3.59
N SER A 97 15.58 -9.81 4.03
CA SER A 97 16.45 -10.32 5.08
C SER A 97 17.75 -10.86 4.51
N ASP A 98 18.69 -11.13 5.42
CA ASP A 98 19.96 -11.80 5.14
C ASP A 98 19.81 -13.33 5.11
N LYS A 99 18.64 -13.87 5.53
CA LYS A 99 18.38 -15.30 5.63
C LYS A 99 17.42 -15.75 4.53
N ASP A 100 17.60 -16.98 4.04
CA ASP A 100 16.69 -17.58 3.09
C ASP A 100 15.29 -17.67 3.71
N PHE A 101 14.27 -17.63 2.83
CA PHE A 101 12.89 -17.79 3.25
C PHE A 101 12.16 -18.76 2.34
N LYS A 102 11.60 -19.80 2.96
CA LYS A 102 10.92 -20.85 2.23
C LYS A 102 9.43 -20.57 2.30
N VAL A 103 8.80 -20.42 1.13
CA VAL A 103 7.35 -20.40 1.01
C VAL A 103 6.92 -21.84 0.81
N GLN A 104 6.24 -22.41 1.80
CA GLN A 104 5.71 -23.75 1.64
C GLN A 104 4.31 -23.66 1.04
N VAL A 105 3.87 -24.77 0.44
CA VAL A 105 2.52 -24.95 -0.09
C VAL A 105 1.52 -24.71 1.04
N GLY A 106 0.50 -23.88 0.79
CA GLY A 106 -0.50 -23.59 1.81
C GLY A 106 -0.24 -22.29 2.57
N ASP A 107 1.02 -21.81 2.52
CA ASP A 107 1.38 -20.62 3.27
C ASP A 107 0.56 -19.41 2.82
N ARG A 108 0.07 -18.66 3.82
CA ARG A 108 -0.59 -17.38 3.66
C ARG A 108 0.49 -16.32 3.48
N ILE A 109 0.62 -15.77 2.27
CA ILE A 109 1.77 -14.91 1.97
C ILE A 109 1.33 -13.49 1.62
N ALA A 110 0.04 -13.31 1.40
CA ALA A 110 -0.48 -11.98 1.16
C ALA A 110 -1.95 -12.01 1.55
N GLN A 111 -2.57 -10.85 1.41
CA GLN A 111 -4.01 -10.73 1.62
C GLN A 111 -4.62 -9.99 0.44
N GLY A 112 -5.84 -10.37 0.06
CA GLY A 112 -6.58 -9.67 -0.96
C GLY A 112 -7.64 -8.79 -0.33
N VAL A 113 -7.65 -7.50 -0.66
CA VAL A 113 -8.63 -6.57 -0.14
C VAL A 113 -9.34 -5.93 -1.32
N VAL A 114 -10.68 -6.05 -1.35
CA VAL A 114 -11.47 -5.48 -2.42
C VAL A 114 -11.64 -4.00 -2.10
N GLN A 115 -11.49 -3.18 -3.14
CA GLN A 115 -11.68 -1.74 -3.02
C GLN A 115 -12.47 -1.29 -4.24
N LYS A 116 -13.26 -0.22 -4.07
CA LYS A 116 -14.00 0.37 -5.17
C LYS A 116 -13.03 1.16 -6.04
N THR A 117 -13.30 1.22 -7.35
CA THR A 117 -12.53 2.06 -8.26
C THR A 117 -13.27 3.35 -8.63
N TYR A 118 -12.47 4.34 -9.03
CA TYR A 118 -12.96 5.65 -9.40
C TYR A 118 -12.10 6.13 -10.57
N LYS A 119 -12.69 6.21 -11.77
CA LYS A 119 -11.92 6.49 -12.96
C LYS A 119 -11.87 7.99 -13.19
N ALA A 120 -10.67 8.54 -13.45
CA ALA A 120 -10.51 9.96 -13.61
C ALA A 120 -10.62 10.31 -15.08
N GLU A 121 -11.19 11.48 -15.37
CA GLU A 121 -11.11 12.07 -16.70
C GLU A 121 -10.16 13.25 -16.54
N PHE A 122 -9.16 13.35 -17.42
CA PHE A 122 -8.18 14.42 -17.33
C PHE A 122 -8.59 15.62 -18.18
N ILE A 123 -8.43 16.80 -17.60
CA ILE A 123 -8.78 18.04 -18.25
C ILE A 123 -7.57 18.96 -18.18
N GLU A 124 -6.89 19.14 -19.33
CA GLU A 124 -5.62 19.83 -19.37
C GLU A 124 -5.81 21.35 -19.32
N CYS A 125 -5.03 21.96 -18.42
CA CYS A 125 -4.99 23.39 -18.23
C CYS A 125 -3.58 23.88 -18.54
N GLU A 126 -3.50 25.04 -19.20
CA GLU A 126 -2.24 25.76 -19.33
C GLU A 126 -2.02 26.64 -18.10
N GLN A 127 -3.02 26.71 -17.21
CA GLN A 127 -2.89 27.30 -15.88
C GLN A 127 -1.42 27.26 -15.45
N ALA B 1 -17.03 8.25 -12.12
CA ALA B 1 -16.20 9.20 -12.89
C ALA B 1 -15.92 10.43 -12.02
N MET B 2 -14.73 10.98 -12.12
CA MET B 2 -14.39 12.17 -11.38
C MET B 2 -13.39 12.98 -12.22
N LYS B 3 -13.12 14.22 -11.84
CA LYS B 3 -12.37 15.11 -12.73
C LYS B 3 -11.01 15.40 -12.11
N ILE B 4 -9.96 15.30 -12.93
CA ILE B 4 -8.66 15.79 -12.55
C ILE B 4 -8.22 16.85 -13.56
N LYS B 5 -7.88 18.02 -13.01
CA LYS B 5 -7.32 19.08 -13.83
C LYS B 5 -5.81 18.90 -13.75
N ILE B 6 -5.16 18.93 -14.91
CA ILE B 6 -3.73 18.69 -14.98
C ILE B 6 -3.03 19.82 -15.70
N GLN B 7 -1.90 20.27 -15.13
CA GLN B 7 -1.01 21.22 -15.77
C GLN B 7 0.37 20.60 -15.96
N LYS B 8 0.85 20.58 -17.21
CA LYS B 8 2.20 20.15 -17.49
C LYS B 8 3.16 21.29 -17.16
N ILE B 9 4.23 20.99 -16.39
CA ILE B 9 5.23 22.00 -16.08
C ILE B 9 6.63 21.55 -16.51
N HIS B 10 6.68 20.61 -17.48
CA HIS B 10 7.95 20.17 -18.02
C HIS B 10 7.75 19.74 -19.46
N PRO B 11 8.66 20.07 -20.39
CA PRO B 11 8.47 19.74 -21.81
C PRO B 11 8.21 18.27 -22.12
N ASN B 12 8.76 17.37 -21.31
CA ASN B 12 8.65 15.95 -21.57
C ASN B 12 7.43 15.36 -20.88
N ALA B 13 6.55 16.20 -20.32
CA ALA B 13 5.50 15.73 -19.44
C ALA B 13 4.37 15.12 -20.26
N LEU B 14 3.77 14.04 -19.75
CA LEU B 14 2.71 13.38 -20.48
C LEU B 14 1.48 13.32 -19.59
N ILE B 15 0.33 13.54 -20.21
CA ILE B 15 -0.95 13.37 -19.56
C ILE B 15 -1.14 11.87 -19.32
N PRO B 16 -1.30 11.41 -18.06
CA PRO B 16 -1.37 9.97 -17.80
C PRO B 16 -2.66 9.43 -18.40
N LYS B 17 -2.60 8.14 -18.76
CA LYS B 17 -3.62 7.43 -19.49
C LYS B 17 -3.92 6.12 -18.76
N TYR B 18 -5.16 5.64 -18.88
CA TYR B 18 -5.47 4.31 -18.41
C TYR B 18 -5.24 3.34 -19.57
N GLN B 19 -4.51 2.25 -19.35
CA GLN B 19 -4.31 1.31 -20.44
C GLN B 19 -5.64 0.80 -21.00
N THR B 20 -6.56 0.41 -20.11
CA THR B 20 -7.84 -0.14 -20.52
C THR B 20 -8.92 0.52 -19.67
N ASP B 21 -10.19 0.21 -19.99
CA ASP B 21 -11.30 0.72 -19.22
C ASP B 21 -11.37 0.04 -17.84
N GLY B 22 -10.68 -1.10 -17.69
CA GLY B 22 -10.69 -1.81 -16.43
C GLY B 22 -9.51 -1.44 -15.53
N SER B 23 -8.58 -0.61 -16.03
CA SER B 23 -7.38 -0.27 -15.28
C SER B 23 -7.78 0.51 -14.03
N SER B 24 -7.18 0.15 -12.88
CA SER B 24 -7.28 0.91 -11.64
C SER B 24 -6.52 2.22 -11.72
N GLY B 25 -5.40 2.22 -12.41
CA GLY B 25 -4.56 3.40 -12.39
C GLY B 25 -4.06 3.82 -13.76
N PHE B 26 -3.54 5.04 -13.76
CA PHE B 26 -2.88 5.62 -14.92
C PHE B 26 -1.40 5.67 -14.64
N ASP B 27 -0.62 5.50 -15.72
CA ASP B 27 0.83 5.43 -15.68
C ASP B 27 1.45 6.81 -15.54
N LEU B 28 2.45 6.90 -14.64
CA LEU B 28 3.21 8.10 -14.39
C LEU B 28 4.58 7.99 -15.06
N HIS B 29 4.86 8.93 -15.97
CA HIS B 29 6.04 8.86 -16.83
C HIS B 29 7.07 9.89 -16.37
N ALA B 30 8.31 9.43 -16.16
CA ALA B 30 9.41 10.31 -15.83
C ALA B 30 9.73 11.29 -16.97
N VAL B 31 10.24 12.46 -16.60
CA VAL B 31 10.57 13.53 -17.55
C VAL B 31 12.09 13.76 -17.62
N GLU B 32 12.86 13.09 -16.76
CA GLU B 32 14.30 13.28 -16.65
C GLU B 32 14.98 11.91 -16.55
N GLU B 33 16.13 11.77 -17.21
CA GLU B 33 16.93 10.58 -17.11
C GLU B 33 17.74 10.65 -15.82
N VAL B 34 17.53 9.66 -14.95
CA VAL B 34 18.21 9.67 -13.67
C VAL B 34 18.65 8.24 -13.43
N MET B 35 19.76 8.11 -12.71
CA MET B 35 20.35 6.85 -12.38
C MET B 35 20.13 6.66 -10.89
N ILE B 36 19.69 5.45 -10.47
CA ILE B 36 19.48 5.16 -9.05
C ILE B 36 20.41 4.02 -8.65
N LYS B 37 21.41 4.37 -7.84
CA LYS B 37 22.41 3.44 -7.33
C LYS B 37 21.70 2.31 -6.60
N PRO B 38 22.32 1.11 -6.50
CA PRO B 38 21.80 0.04 -5.65
C PRO B 38 21.64 0.51 -4.21
N HIS B 39 20.63 -0.03 -3.53
CA HIS B 39 20.39 0.19 -2.11
C HIS B 39 20.29 1.68 -1.82
N SER B 40 19.58 2.40 -2.68
CA SER B 40 19.35 3.81 -2.45
C SER B 40 18.03 4.25 -3.09
N VAL B 41 17.62 5.47 -2.77
CA VAL B 41 16.34 5.99 -3.20
C VAL B 41 16.59 7.15 -4.17
N GLY B 42 15.55 7.59 -4.89
CA GLY B 42 15.65 8.69 -5.84
C GLY B 42 14.28 9.33 -6.07
N LEU B 43 14.24 10.67 -6.15
CA LEU B 43 12.97 11.37 -6.30
C LEU B 43 12.74 11.67 -7.78
N VAL B 44 11.75 11.01 -8.38
CA VAL B 44 11.64 11.04 -9.82
C VAL B 44 10.48 11.96 -10.18
N LYS B 45 10.74 12.92 -11.06
CA LYS B 45 9.80 13.98 -11.35
C LYS B 45 8.86 13.52 -12.47
N ILE B 46 7.57 13.87 -12.39
CA ILE B 46 6.60 13.48 -13.40
C ILE B 46 6.20 14.70 -14.23
N GLY B 47 6.54 15.90 -13.74
CA GLY B 47 6.40 17.13 -14.50
C GLY B 47 4.95 17.51 -14.77
N ILE B 48 4.07 17.10 -13.85
CA ILE B 48 2.66 17.46 -13.93
C ILE B 48 2.20 17.88 -12.54
N CYS B 49 1.16 18.73 -12.55
CA CYS B 49 0.57 19.31 -11.36
C CYS B 49 -0.92 19.00 -11.41
N LEU B 50 -1.50 18.60 -10.29
CA LEU B 50 -2.83 18.01 -10.32
C LEU B 50 -3.74 18.78 -9.40
N SER B 51 -4.95 19.06 -9.90
CA SER B 51 -6.08 19.44 -9.07
C SER B 51 -7.12 18.33 -9.14
N LEU B 52 -7.26 17.57 -8.04
CA LEU B 52 -8.29 16.53 -7.95
C LEU B 52 -9.60 17.16 -7.48
N GLU B 53 -10.71 16.84 -8.17
CA GLU B 53 -12.07 17.07 -7.69
C GLU B 53 -12.14 16.83 -6.19
N VAL B 54 -12.92 17.63 -5.49
CA VAL B 54 -12.99 17.54 -4.04
C VAL B 54 -13.53 16.18 -3.65
N GLY B 55 -12.93 15.57 -2.61
CA GLY B 55 -13.38 14.29 -2.08
C GLY B 55 -12.51 13.10 -2.49
N TYR B 56 -11.55 13.31 -3.40
CA TYR B 56 -10.68 12.26 -3.89
C TYR B 56 -9.22 12.57 -3.54
N GLU B 57 -8.46 11.54 -3.13
CA GLU B 57 -7.01 11.58 -3.04
C GLU B 57 -6.43 10.78 -4.21
N LEU B 58 -5.11 10.77 -4.31
CA LEU B 58 -4.41 9.95 -5.29
C LEU B 58 -3.44 9.04 -4.54
N GLN B 59 -3.34 7.77 -4.96
CA GLN B 59 -2.31 6.87 -4.46
C GLN B 59 -1.25 6.68 -5.53
N VAL B 60 0.02 6.65 -5.13
CA VAL B 60 1.09 6.34 -6.06
C VAL B 60 1.57 4.94 -5.72
N ARG B 61 1.39 4.00 -6.67
CA ARG B 61 1.64 2.57 -6.45
C ARG B 61 2.79 2.08 -7.31
N THR B 62 3.60 1.20 -6.73
CA THR B 62 4.66 0.47 -7.43
C THR B 62 4.12 -0.24 -8.64
N ARG B 63 4.86 -0.17 -9.75
CA ARG B 63 4.57 -1.00 -10.91
C ARG B 63 5.15 -2.40 -10.69
N SER B 64 4.35 -3.42 -11.00
CA SER B 64 4.66 -4.79 -10.64
C SER B 64 5.85 -5.31 -11.45
N GLY B 65 5.91 -4.93 -12.72
CA GLY B 65 7.01 -5.26 -13.61
C GLY B 65 8.36 -4.87 -13.01
N LEU B 66 8.52 -3.57 -12.72
CA LEU B 66 9.76 -3.03 -12.14
C LEU B 66 10.10 -3.67 -10.80
N ALA B 67 9.10 -4.05 -10.01
CA ALA B 67 9.38 -4.67 -8.73
C ALA B 67 9.98 -6.06 -8.95
N LEU B 68 9.28 -6.88 -9.74
CA LEU B 68 9.67 -8.27 -9.97
C LEU B 68 11.01 -8.39 -10.69
N ASN B 69 11.25 -7.57 -11.73
CA ASN B 69 12.42 -7.74 -12.57
C ASN B 69 13.58 -6.83 -12.14
N HIS B 70 13.36 -5.84 -11.28
CA HIS B 70 14.44 -4.91 -10.99
C HIS B 70 14.52 -4.53 -9.51
N GLN B 71 13.62 -5.06 -8.67
CA GLN B 71 13.55 -4.70 -7.26
C GLN B 71 13.49 -3.19 -7.12
N VAL B 72 12.73 -2.58 -8.03
CA VAL B 72 12.49 -1.17 -7.96
C VAL B 72 11.03 -0.97 -7.53
N MET B 73 10.82 -0.15 -6.50
CA MET B 73 9.47 0.11 -6.04
C MET B 73 9.34 1.53 -5.51
N VAL B 74 8.11 1.93 -5.30
CA VAL B 74 7.80 3.20 -4.69
C VAL B 74 7.89 3.04 -3.18
N LEU B 75 8.83 3.78 -2.56
CA LEU B 75 9.25 3.44 -1.21
C LEU B 75 8.12 3.73 -0.23
N ASN B 76 7.27 4.71 -0.56
CA ASN B 76 6.17 5.07 0.31
C ASN B 76 4.87 4.52 -0.27
N SER B 77 4.94 3.44 -1.06
CA SER B 77 3.73 2.92 -1.66
C SER B 77 2.76 2.50 -0.56
N PRO B 78 1.46 2.83 -0.63
CA PRO B 78 0.88 3.67 -1.68
C PRO B 78 1.09 5.13 -1.30
N GLY B 79 1.73 5.87 -2.21
CA GLY B 79 2.15 7.23 -1.96
C GLY B 79 0.95 8.16 -1.82
N THR B 80 0.84 8.80 -0.67
CA THR B 80 -0.30 9.65 -0.39
C THR B 80 -0.05 11.00 -1.05
N VAL B 81 -0.94 11.31 -2.01
CA VAL B 81 -1.09 12.63 -2.60
C VAL B 81 -2.43 13.20 -2.17
N ASP B 82 -2.39 14.16 -1.23
CA ASP B 82 -3.59 14.70 -0.59
C ASP B 82 -4.34 15.58 -1.59
N ASN B 83 -5.61 15.83 -1.31
CA ASN B 83 -6.51 16.50 -2.25
C ASN B 83 -6.07 17.96 -2.46
N ASP B 84 -5.48 18.59 -1.43
CA ASP B 84 -5.14 20.00 -1.49
C ASP B 84 -3.66 20.20 -1.87
N TYR B 85 -3.15 19.35 -2.78
CA TYR B 85 -1.76 19.42 -3.21
C TYR B 85 -1.72 19.83 -4.68
N ARG B 86 -1.07 20.97 -5.00
CA ARG B 86 -1.05 21.45 -6.38
C ARG B 86 0.39 21.55 -6.88
N GLY B 87 1.31 20.92 -6.16
CA GLY B 87 2.71 20.85 -6.57
C GLY B 87 2.98 19.82 -7.67
N GLU B 88 4.26 19.64 -7.94
CA GLU B 88 4.71 18.66 -8.90
C GLU B 88 4.53 17.26 -8.29
N ILE B 89 3.86 16.37 -9.02
CA ILE B 89 3.87 14.95 -8.71
C ILE B 89 5.30 14.46 -8.86
N LYS B 90 5.85 13.92 -7.77
CA LYS B 90 7.18 13.30 -7.77
C LYS B 90 7.08 11.93 -7.12
N VAL B 91 7.86 10.95 -7.63
CA VAL B 91 7.80 9.58 -7.13
C VAL B 91 9.10 9.21 -6.42
N ILE B 92 8.98 8.75 -5.17
CA ILE B 92 10.11 8.25 -4.41
C ILE B 92 10.35 6.80 -4.83
N LEU B 93 11.35 6.61 -5.68
CA LEU B 93 11.65 5.30 -6.23
C LEU B 93 12.85 4.75 -5.48
N ALA B 94 12.71 3.55 -4.91
CA ALA B 94 13.85 2.88 -4.31
C ALA B 94 14.35 1.80 -5.25
N ASN B 95 15.66 1.57 -5.24
CA ASN B 95 16.28 0.46 -5.92
C ASN B 95 16.83 -0.48 -4.87
N LEU B 96 16.14 -1.59 -4.63
CA LEU B 96 16.59 -2.53 -3.63
C LEU B 96 17.52 -3.59 -4.23
N SER B 97 17.90 -3.44 -5.51
CA SER B 97 18.79 -4.40 -6.14
C SER B 97 20.23 -3.96 -5.92
N ASP B 98 21.15 -4.83 -6.36
CA ASP B 98 22.58 -4.60 -6.21
C ASP B 98 23.15 -4.16 -7.55
N LYS B 99 22.28 -3.64 -8.42
CA LYS B 99 22.54 -3.19 -9.77
C LYS B 99 22.09 -1.73 -9.88
N ASP B 100 22.82 -0.91 -10.65
CA ASP B 100 22.37 0.42 -11.03
C ASP B 100 21.07 0.32 -11.83
N PHE B 101 20.12 1.25 -11.60
CA PHE B 101 18.88 1.20 -12.35
C PHE B 101 18.63 2.57 -13.00
N LYS B 102 18.53 2.55 -14.33
CA LYS B 102 18.44 3.80 -15.09
C LYS B 102 16.98 4.07 -15.41
N VAL B 103 16.51 5.23 -14.94
CA VAL B 103 15.24 5.78 -15.38
C VAL B 103 15.48 6.63 -16.62
N GLN B 104 14.69 6.36 -17.67
CA GLN B 104 14.79 7.10 -18.92
C GLN B 104 13.58 8.00 -19.05
N VAL B 105 13.75 9.09 -19.81
CA VAL B 105 12.66 10.00 -20.13
C VAL B 105 11.53 9.17 -20.74
N GLY B 106 10.32 9.25 -20.19
CA GLY B 106 9.15 8.58 -20.74
C GLY B 106 8.81 7.27 -20.02
N ASP B 107 9.74 6.70 -19.25
CA ASP B 107 9.49 5.45 -18.55
C ASP B 107 8.36 5.61 -17.55
N ARG B 108 7.52 4.57 -17.54
CA ARG B 108 6.46 4.37 -16.57
C ARG B 108 7.11 3.84 -15.32
N ILE B 109 6.98 4.57 -14.20
CA ILE B 109 7.71 4.21 -12.99
C ILE B 109 6.76 3.98 -11.81
N ALA B 110 5.51 4.42 -11.94
CA ALA B 110 4.50 4.20 -10.93
C ALA B 110 3.13 4.30 -11.59
N GLN B 111 2.12 4.02 -10.79
CA GLN B 111 0.74 4.17 -11.21
C GLN B 111 0.04 5.08 -10.19
N GLY B 112 -0.75 6.04 -10.66
CA GLY B 112 -1.63 6.80 -9.80
C GLY B 112 -3.03 6.21 -9.82
N VAL B 113 -3.64 6.00 -8.64
CA VAL B 113 -4.96 5.42 -8.54
C VAL B 113 -5.82 6.34 -7.67
N VAL B 114 -6.94 6.79 -8.24
CA VAL B 114 -7.83 7.68 -7.51
C VAL B 114 -8.55 6.86 -6.44
N GLN B 115 -8.53 7.35 -5.20
CA GLN B 115 -9.36 6.77 -4.16
C GLN B 115 -10.17 7.91 -3.54
N LYS B 116 -11.23 7.53 -2.85
CA LYS B 116 -12.13 8.50 -2.27
C LYS B 116 -11.72 8.65 -0.81
N THR B 117 -11.78 9.86 -0.27
CA THR B 117 -11.23 10.10 1.06
C THR B 117 -12.31 9.90 2.12
N TYR B 118 -11.87 9.64 3.34
CA TYR B 118 -12.75 9.54 4.51
C TYR B 118 -11.97 10.05 5.72
N LYS B 119 -12.47 11.13 6.34
CA LYS B 119 -11.89 11.74 7.53
C LYS B 119 -12.50 11.10 8.77
N ALA B 120 -11.66 10.83 9.78
CA ALA B 120 -12.18 10.36 11.05
C ALA B 120 -12.36 11.53 12.03
N GLU B 121 -13.36 11.39 12.92
CA GLU B 121 -13.44 12.17 14.16
C GLU B 121 -13.18 11.22 15.33
N PHE B 122 -12.25 11.59 16.20
CA PHE B 122 -11.84 10.78 17.33
C PHE B 122 -12.70 11.09 18.55
N ILE B 123 -13.38 10.08 19.09
CA ILE B 123 -14.08 10.19 20.38
C ILE B 123 -13.31 9.38 21.42
N GLU B 124 -12.74 10.07 22.40
CA GLU B 124 -11.94 9.42 23.41
C GLU B 124 -12.85 8.79 24.46
N CYS B 125 -12.47 7.59 24.90
CA CYS B 125 -13.13 6.95 26.01
C CYS B 125 -12.16 6.11 26.81
N GLU B 126 -12.70 5.57 27.90
CA GLU B 126 -11.93 4.97 28.97
C GLU B 126 -11.64 3.51 28.63
N GLN B 127 -12.62 2.84 28.00
CA GLN B 127 -12.55 1.43 27.62
C GLN B 127 -13.30 1.22 26.30
N LEU B 128 -12.79 0.37 25.39
CA LEU B 128 -13.50 0.07 24.15
C LEU B 128 -14.46 -1.11 24.26
N ASP B 129 -15.37 -1.20 23.27
CA ASP B 129 -16.20 -2.37 22.98
C ASP B 129 -15.35 -3.58 22.58
N GLU B 130 -15.85 -4.78 22.91
CA GLU B 130 -15.10 -6.03 22.80
C GLU B 130 -15.36 -6.69 21.43
N THR B 131 -14.55 -7.69 21.07
CA THR B 131 -14.59 -8.31 19.74
C THR B 131 -14.24 -9.80 19.85
N SER B 132 -13.78 -10.43 18.74
CA SER B 132 -13.12 -11.73 18.79
C SER B 132 -12.08 -11.86 17.66
N ALA C 1 -17.51 13.52 8.99
CA ALA C 1 -16.47 12.51 9.30
C ALA C 1 -17.10 11.27 9.96
N MET C 2 -16.64 10.06 9.56
CA MET C 2 -16.94 8.84 10.31
C MET C 2 -16.20 8.92 11.65
N LYS C 3 -16.55 8.02 12.57
CA LYS C 3 -16.11 8.12 13.96
C LYS C 3 -15.18 6.98 14.36
N ILE C 4 -14.24 7.29 15.27
CA ILE C 4 -13.30 6.34 15.80
C ILE C 4 -13.21 6.52 17.31
N LYS C 5 -13.71 5.54 18.06
CA LYS C 5 -13.51 5.49 19.49
C LYS C 5 -12.05 5.17 19.77
N ILE C 6 -11.42 5.97 20.64
CA ILE C 6 -10.01 5.80 20.93
C ILE C 6 -9.81 5.73 22.45
N GLN C 7 -8.90 4.86 22.88
CA GLN C 7 -8.48 4.75 24.25
C GLN C 7 -6.97 4.88 24.29
N LYS C 8 -6.43 5.81 25.08
CA LYS C 8 -4.99 5.89 25.28
C LYS C 8 -4.57 4.94 26.41
N ILE C 9 -3.43 4.26 26.23
CA ILE C 9 -2.99 3.25 27.17
C ILE C 9 -1.53 3.47 27.51
N HIS C 10 -1.01 4.66 27.18
CA HIS C 10 0.33 5.05 27.55
C HIS C 10 0.24 6.54 27.86
N PRO C 11 0.89 7.05 28.93
CA PRO C 11 0.81 8.47 29.26
C PRO C 11 1.18 9.35 28.06
N ASN C 12 2.19 8.90 27.30
CA ASN C 12 2.73 9.63 26.17
C ASN C 12 1.85 9.49 24.93
N ALA C 13 0.82 8.65 24.98
CA ALA C 13 -0.07 8.52 23.83
C ALA C 13 -0.68 9.86 23.51
N LEU C 14 -0.95 10.07 22.21
CA LEU C 14 -1.51 11.29 21.66
C LEU C 14 -2.70 10.93 20.75
N ILE C 15 -3.84 11.64 20.89
CA ILE C 15 -4.89 11.60 19.89
C ILE C 15 -4.28 12.02 18.56
N PRO C 16 -4.36 11.19 17.50
CA PRO C 16 -3.84 11.57 16.17
C PRO C 16 -4.63 12.74 15.59
N LYS C 17 -3.96 13.56 14.75
CA LYS C 17 -4.56 14.76 14.19
C LYS C 17 -4.22 14.87 12.71
N TYR C 18 -5.14 15.44 11.93
CA TYR C 18 -4.88 15.87 10.56
C TYR C 18 -4.11 17.20 10.57
N GLN C 19 -2.94 17.19 9.92
CA GLN C 19 -2.03 18.33 9.86
C GLN C 19 -2.73 19.51 9.19
N THR C 20 -3.44 19.24 8.09
CA THR C 20 -4.23 20.23 7.37
C THR C 20 -5.66 19.71 7.29
N ASP C 21 -6.57 20.55 6.79
CA ASP C 21 -7.93 20.11 6.53
C ASP C 21 -7.97 19.20 5.29
N GLY C 22 -6.97 19.29 4.39
CA GLY C 22 -7.00 18.54 3.14
C GLY C 22 -6.34 17.16 3.21
N SER C 23 -5.77 16.84 4.38
CA SER C 23 -4.98 15.63 4.60
C SER C 23 -5.83 14.36 4.46
N SER C 24 -5.23 13.29 3.90
CA SER C 24 -5.90 12.01 3.76
C SER C 24 -5.79 11.23 5.08
N GLY C 25 -4.72 11.48 5.83
CA GLY C 25 -4.39 10.65 6.98
C GLY C 25 -4.01 11.46 8.21
N PHE C 26 -4.03 10.78 9.35
CA PHE C 26 -3.75 11.43 10.62
C PHE C 26 -2.43 10.87 11.14
N ASP C 27 -1.70 11.69 11.91
CA ASP C 27 -0.31 11.35 12.18
C ASP C 27 -0.23 10.45 13.41
N LEU C 28 0.67 9.47 13.37
CA LEU C 28 0.83 8.48 14.43
C LEU C 28 2.20 8.68 15.08
N HIS C 29 2.16 8.92 16.39
CA HIS C 29 3.32 9.34 17.13
C HIS C 29 3.79 8.19 18.01
N ALA C 30 5.10 7.98 18.08
CA ALA C 30 5.67 6.92 18.93
C ALA C 30 5.57 7.32 20.42
N VAL C 31 5.42 6.32 21.29
CA VAL C 31 5.44 6.54 22.72
C VAL C 31 6.75 6.02 23.32
N GLU C 32 7.34 4.99 22.71
CA GLU C 32 8.60 4.42 23.17
C GLU C 32 9.73 4.89 22.26
N GLU C 33 10.87 5.22 22.85
CA GLU C 33 12.10 5.36 22.10
C GLU C 33 12.49 3.99 21.53
N VAL C 34 12.75 3.91 20.22
CA VAL C 34 13.18 2.67 19.60
C VAL C 34 14.32 2.98 18.64
N MET C 35 15.34 2.12 18.66
CA MET C 35 16.45 2.20 17.72
C MET C 35 16.24 1.10 16.69
N ILE C 36 16.41 1.43 15.41
CA ILE C 36 16.28 0.44 14.34
C ILE C 36 17.59 0.43 13.55
N LYS C 37 18.36 -0.66 13.69
CA LYS C 37 19.68 -0.78 13.08
C LYS C 37 19.53 -0.92 11.56
N PRO C 38 20.62 -0.86 10.79
CA PRO C 38 20.54 -0.95 9.32
C PRO C 38 19.86 -2.25 8.88
N HIS C 39 19.20 -2.21 7.73
CA HIS C 39 18.73 -3.42 7.07
C HIS C 39 17.92 -4.31 8.01
N SER C 40 17.19 -3.71 8.94
CA SER C 40 16.38 -4.48 9.86
C SER C 40 15.05 -3.76 10.10
N VAL C 41 14.24 -4.30 11.01
CA VAL C 41 12.86 -3.89 11.18
C VAL C 41 12.54 -3.87 12.67
N GLY C 42 11.89 -2.80 13.11
CA GLY C 42 11.46 -2.67 14.49
C GLY C 42 9.96 -2.38 14.58
N LEU C 43 9.42 -2.51 15.79
CA LEU C 43 8.00 -2.38 16.06
C LEU C 43 7.85 -1.19 16.99
N VAL C 44 7.01 -0.22 16.60
CA VAL C 44 6.84 1.03 17.31
C VAL C 44 5.41 1.07 17.83
N LYS C 45 5.27 1.12 19.16
CA LYS C 45 3.97 1.27 19.80
C LYS C 45 3.50 2.71 19.61
N ILE C 46 2.18 2.87 19.51
CA ILE C 46 1.57 4.20 19.47
C ILE C 46 0.75 4.47 20.73
N GLY C 47 0.48 3.43 21.53
CA GLY C 47 -0.17 3.60 22.82
C GLY C 47 -1.65 3.95 22.73
N ILE C 48 -2.31 3.57 21.63
CA ILE C 48 -3.75 3.78 21.42
C ILE C 48 -4.40 2.49 20.96
N CYS C 49 -5.66 2.33 21.34
CA CYS C 49 -6.53 1.31 20.82
C CYS C 49 -7.71 2.02 20.17
N LEU C 50 -8.03 1.61 18.94
CA LEU C 50 -9.11 2.17 18.14
C LEU C 50 -10.27 1.18 18.05
N SER C 51 -11.47 1.73 17.96
CA SER C 51 -12.65 1.03 17.51
C SER C 51 -13.25 1.89 16.41
N LEU C 52 -13.14 1.44 15.15
CA LEU C 52 -13.65 2.19 14.02
C LEU C 52 -15.14 1.90 13.87
N GLU C 53 -15.88 2.92 13.48
CA GLU C 53 -17.25 2.73 13.05
C GLU C 53 -17.26 1.60 12.03
N VAL C 54 -18.37 0.84 12.01
CA VAL C 54 -18.49 -0.34 11.17
C VAL C 54 -18.39 0.06 9.70
N GLY C 55 -17.74 -0.81 8.91
CA GLY C 55 -17.70 -0.70 7.46
C GLY C 55 -16.49 0.09 6.98
N TYR C 56 -15.50 0.27 7.87
CA TYR C 56 -14.28 1.03 7.61
C TYR C 56 -13.06 0.32 8.19
N GLU C 57 -11.91 0.53 7.53
CA GLU C 57 -10.62 0.03 7.97
C GLU C 57 -9.69 1.22 8.10
N LEU C 58 -8.50 0.99 8.63
CA LEU C 58 -7.47 2.00 8.70
C LEU C 58 -6.24 1.41 8.04
N GLN C 59 -5.66 2.16 7.10
CA GLN C 59 -4.42 1.74 6.45
C GLN C 59 -3.33 2.56 7.10
N VAL C 60 -2.27 1.88 7.53
CA VAL C 60 -1.10 2.53 8.09
C VAL C 60 -0.09 2.67 6.97
N ARG C 61 0.23 3.92 6.64
CA ARG C 61 1.05 4.27 5.50
C ARG C 61 2.35 4.94 5.89
N THR C 62 3.37 4.60 5.12
CA THR C 62 4.68 5.24 5.12
C THR C 62 4.60 6.74 4.93
N ARG C 63 5.29 7.53 5.77
CA ARG C 63 5.50 8.96 5.53
C ARG C 63 6.58 9.16 4.48
N SER C 64 6.35 10.10 3.56
CA SER C 64 7.18 10.23 2.38
C SER C 64 8.55 10.82 2.74
N GLY C 65 8.58 11.77 3.67
CA GLY C 65 9.79 12.37 4.19
C GLY C 65 10.80 11.33 4.68
N LEU C 66 10.40 10.56 5.71
CA LEU C 66 11.20 9.47 6.24
C LEU C 66 11.65 8.48 5.15
N ALA C 67 10.78 8.21 4.18
CA ALA C 67 11.14 7.27 3.14
C ALA C 67 12.26 7.89 2.33
N LEU C 68 12.06 9.11 1.84
CA LEU C 68 13.03 9.77 0.96
C LEU C 68 14.37 10.06 1.66
N ASN C 69 14.36 10.52 2.91
CA ASN C 69 15.60 11.02 3.51
C ASN C 69 16.35 9.95 4.28
N HIS C 70 15.66 8.93 4.80
CA HIS C 70 16.24 7.98 5.74
C HIS C 70 16.01 6.54 5.30
N GLN C 71 15.39 6.35 4.11
CA GLN C 71 14.96 5.07 3.59
C GLN C 71 14.22 4.25 4.63
N VAL C 72 13.29 4.92 5.31
CA VAL C 72 12.48 4.25 6.30
C VAL C 72 11.04 4.22 5.80
N MET C 73 10.37 3.08 6.03
CA MET C 73 8.99 2.88 5.61
C MET C 73 8.27 1.84 6.48
N VAL C 74 6.94 1.90 6.40
CA VAL C 74 6.08 0.94 7.05
C VAL C 74 6.09 -0.33 6.21
N LEU C 75 6.63 -1.42 6.76
CA LEU C 75 7.05 -2.49 5.90
C LEU C 75 5.85 -3.23 5.31
N ASN C 76 4.72 -3.19 6.03
CA ASN C 76 3.48 -3.81 5.58
C ASN C 76 2.60 -2.75 4.91
N SER C 77 3.21 -1.66 4.46
CA SER C 77 2.43 -0.59 3.87
C SER C 77 1.61 -1.10 2.68
N PRO C 78 0.31 -0.79 2.58
CA PRO C 78 -0.43 -0.07 3.62
C PRO C 78 -0.86 -1.06 4.69
N GLY C 79 -0.47 -0.81 5.94
CA GLY C 79 -0.74 -1.72 7.04
C GLY C 79 -2.24 -1.80 7.31
N THR C 80 -2.78 -3.01 7.28
CA THR C 80 -4.22 -3.20 7.42
C THR C 80 -4.56 -3.19 8.91
N VAL C 81 -5.44 -2.28 9.31
CA VAL C 81 -6.08 -2.35 10.61
C VAL C 81 -7.55 -2.71 10.38
N ASP C 82 -7.92 -3.94 10.72
CA ASP C 82 -9.24 -4.43 10.41
C ASP C 82 -10.25 -3.77 11.33
N ASN C 83 -11.48 -3.67 10.85
CA ASN C 83 -12.55 -2.98 11.56
C ASN C 83 -12.68 -3.49 12.99
N ASP C 84 -12.52 -4.82 13.17
CA ASP C 84 -12.80 -5.45 14.45
C ASP C 84 -11.55 -5.67 15.28
N TYR C 85 -10.44 -5.03 14.90
CA TYR C 85 -9.24 -5.10 15.72
C TYR C 85 -9.33 -4.01 16.79
N ARG C 86 -9.08 -4.44 18.04
CA ARG C 86 -9.31 -3.61 19.23
C ARG C 86 -8.03 -3.42 20.02
N GLY C 87 -6.94 -4.11 19.65
CA GLY C 87 -5.68 -4.00 20.37
C GLY C 87 -4.92 -2.74 19.99
N GLU C 88 -3.73 -2.63 20.56
CA GLU C 88 -2.93 -1.43 20.46
C GLU C 88 -2.47 -1.26 19.01
N ILE C 89 -2.47 -0.01 18.52
CA ILE C 89 -1.88 0.28 17.23
C ILE C 89 -0.36 0.28 17.39
N LYS C 90 0.29 -0.42 16.46
CA LYS C 90 1.73 -0.53 16.38
C LYS C 90 2.13 -0.52 14.91
N VAL C 91 3.32 0.02 14.63
CA VAL C 91 3.80 0.24 13.29
C VAL C 91 5.07 -0.57 13.17
N ILE C 92 5.13 -1.40 12.10
CA ILE C 92 6.32 -2.10 11.71
C ILE C 92 7.13 -1.20 10.80
N LEU C 93 8.18 -0.55 11.35
CA LEU C 93 9.08 0.29 10.58
C LEU C 93 10.28 -0.52 10.13
N ALA C 94 10.56 -0.51 8.82
CA ALA C 94 11.81 -1.05 8.32
C ALA C 94 12.79 0.09 7.99
N ASN C 95 14.06 -0.29 7.98
CA ASN C 95 15.17 0.62 7.78
C ASN C 95 16.08 0.01 6.73
N LEU C 96 16.07 0.60 5.55
CA LEU C 96 16.77 0.04 4.41
C LEU C 96 18.02 0.87 4.15
N SER C 97 18.35 1.80 5.06
CA SER C 97 19.60 2.54 4.98
C SER C 97 20.72 1.72 5.60
N ASP C 98 21.97 2.06 5.28
CA ASP C 98 23.11 1.38 5.90
C ASP C 98 23.50 2.15 7.17
N LYS C 99 22.50 2.72 7.86
CA LYS C 99 22.72 3.60 8.99
C LYS C 99 21.66 3.33 10.06
N ASP C 100 21.99 3.73 11.29
CA ASP C 100 21.06 3.69 12.41
C ASP C 100 19.94 4.69 12.18
N PHE C 101 18.73 4.29 12.56
CA PHE C 101 17.60 5.18 12.62
C PHE C 101 16.97 5.12 14.01
N LYS C 102 16.72 6.31 14.57
CA LYS C 102 16.27 6.43 15.94
C LYS C 102 14.85 6.99 15.94
N VAL C 103 13.98 6.34 16.70
CA VAL C 103 12.61 6.80 16.90
C VAL C 103 12.53 7.34 18.31
N GLN C 104 12.13 8.62 18.41
CA GLN C 104 12.05 9.33 19.67
C GLN C 104 10.58 9.47 20.05
N VAL C 105 10.33 9.53 21.35
CA VAL C 105 8.99 9.72 21.88
C VAL C 105 8.40 10.95 21.19
N GLY C 106 7.20 10.79 20.63
CA GLY C 106 6.49 11.88 19.98
C GLY C 106 6.80 11.99 18.48
N ASP C 107 7.75 11.20 17.96
CA ASP C 107 8.05 11.24 16.54
C ASP C 107 6.89 10.62 15.76
N ARG C 108 6.46 11.32 14.69
CA ARG C 108 5.44 10.83 13.76
C ARG C 108 6.08 9.89 12.75
N ILE C 109 5.76 8.60 12.83
CA ILE C 109 6.49 7.61 12.04
C ILE C 109 5.61 6.92 11.00
N ALA C 110 4.30 7.21 11.01
CA ALA C 110 3.41 6.71 9.98
C ALA C 110 2.15 7.57 9.88
N GLN C 111 1.26 7.17 8.98
CA GLN C 111 0.04 7.90 8.74
C GLN C 111 -1.08 6.88 8.73
N GLY C 112 -2.14 7.12 9.52
CA GLY C 112 -3.35 6.35 9.39
C GLY C 112 -4.30 7.01 8.40
N VAL C 113 -4.69 6.26 7.36
CA VAL C 113 -5.71 6.72 6.42
C VAL C 113 -6.92 5.79 6.55
N VAL C 114 -8.12 6.38 6.57
CA VAL C 114 -9.38 5.66 6.77
C VAL C 114 -9.92 5.26 5.41
N GLN C 115 -10.50 4.07 5.30
CA GLN C 115 -11.05 3.65 4.03
C GLN C 115 -12.28 2.78 4.28
N LYS C 116 -13.29 2.87 3.39
CA LYS C 116 -14.43 1.96 3.40
C LYS C 116 -13.98 0.56 2.98
N THR C 117 -14.70 -0.45 3.47
CA THR C 117 -14.43 -1.83 3.11
C THR C 117 -15.55 -2.36 2.23
N TYR C 118 -15.22 -3.44 1.52
CA TYR C 118 -16.13 -4.12 0.62
C TYR C 118 -15.84 -5.62 0.74
N LYS C 119 -16.92 -6.37 0.92
CA LYS C 119 -16.85 -7.79 1.19
C LYS C 119 -17.17 -8.51 -0.10
N ALA C 120 -16.29 -9.42 -0.53
CA ALA C 120 -16.57 -10.24 -1.69
C ALA C 120 -17.32 -11.50 -1.28
N GLU C 121 -18.21 -11.93 -2.17
CA GLU C 121 -18.84 -13.23 -2.13
C GLU C 121 -18.25 -14.06 -3.27
N PHE C 122 -17.51 -15.12 -2.94
CA PHE C 122 -16.91 -15.96 -3.96
C PHE C 122 -17.96 -16.90 -4.57
N ILE C 123 -17.93 -16.97 -5.90
CA ILE C 123 -18.74 -17.88 -6.68
C ILE C 123 -17.80 -18.71 -7.54
N GLU C 124 -17.70 -20.01 -7.23
CA GLU C 124 -16.80 -20.89 -7.96
C GLU C 124 -17.35 -21.15 -9.36
N CYS C 125 -16.43 -21.40 -10.30
CA CYS C 125 -16.73 -21.55 -11.72
C CYS C 125 -15.79 -22.59 -12.31
N GLU C 126 -16.31 -23.43 -13.21
CA GLU C 126 -15.46 -24.35 -13.97
C GLU C 126 -14.57 -23.51 -14.89
N GLN C 127 -15.18 -22.54 -15.58
CA GLN C 127 -14.48 -21.67 -16.52
C GLN C 127 -15.02 -20.24 -16.35
N LEU C 128 -14.17 -19.24 -16.52
CA LEU C 128 -14.61 -17.85 -16.47
C LEU C 128 -15.24 -17.45 -17.81
N ASP C 129 -15.75 -16.22 -17.84
CA ASP C 129 -16.09 -15.50 -19.07
C ASP C 129 -14.89 -15.55 -20.04
#